data_1PIB
#
_entry.id   1PIB
#
loop_
_entity.id
_entity.type
_entity.pdbx_description
1 polymer "5'-D(*CP*GP*CP*AP*TP*TP*AP*CP*GP*C)-3'"
2 polymer "5'-D(*GP*CP*GP*TP*GP*AP*TP*GP*CP*G)-3'"
#
loop_
_entity_poly.entity_id
_entity_poly.type
_entity_poly.pdbx_seq_one_letter_code
_entity_poly.pdbx_strand_id
1 'polydeoxyribonucleotide' (DC)(DG)(DC)(DA)(DT)(DT)(DA)(DC)(DG)(DC) A
2 'polydeoxyribonucleotide' (DG)(DC)(DG)(DT)(DG)(DA)(DT)(DG)(DC)(DG) B
#